data_1QX4
#
_entry.id   1QX4
#
_cell.length_a   77.236
_cell.length_b   48.004
_cell.length_c   77.247
_cell.angle_alpha   90.00
_cell.angle_beta   107.69
_cell.angle_gamma   90.00
#
_symmetry.space_group_name_H-M   'P 1 21 1'
#
loop_
_entity.id
_entity.type
_entity.pdbx_description
1 polymer 'NADH-cytochrome b5 reductase'
2 non-polymer 'FLAVIN-ADENINE DINUCLEOTIDE'
3 water water
#
_entity_poly.entity_id   1
_entity_poly.type   'polypeptide(L)'
_entity_poly.pdbx_seq_one_letter_code
;MHHHHMITLENPDIKYPLRLIDKEILSHDTRRFRFALPSPQHILGLPIGQHIYLSTRIDGNLVIRPYTPVSSDDDKGFVD
LVVKVYFKETHPKFPAGGKMPQYLENMNIGDTIEFRGPNGLLVYQGKGKFAIRADKKSNPVVRTVKSVGMIAGGTGITPM
LQVIRAVLKDPNDHTVCYLLFANQSEKDILLRPELEELRNEHSSRFKLWYTVDKAPDAWDYSQGFVNEEMIRDHLPPPGE
ETLILMCGPPPMIQFACLPNLERVGHPKERCFTF
;
_entity_poly.pdbx_strand_id   A,B
#
loop_
_chem_comp.id
_chem_comp.type
_chem_comp.name
_chem_comp.formula
FAD non-polymer 'FLAVIN-ADENINE DINUCLEOTIDE' 'C27 H33 N9 O15 P2'
#
# COMPACT_ATOMS: atom_id res chain seq x y z
N HIS A 5 -5.66 -11.26 -7.49
CA HIS A 5 -5.06 -9.92 -7.80
C HIS A 5 -4.86 -9.04 -6.55
N MET A 6 -3.65 -8.52 -6.39
CA MET A 6 -3.37 -7.62 -5.28
C MET A 6 -3.78 -6.28 -5.86
N ILE A 7 -4.91 -5.77 -5.42
CA ILE A 7 -5.38 -4.51 -5.96
C ILE A 7 -4.97 -3.33 -5.11
N THR A 8 -4.42 -2.31 -5.74
CA THR A 8 -4.00 -1.15 -4.99
C THR A 8 -5.21 -0.34 -4.54
N LEU A 9 -6.05 0.02 -5.51
CA LEU A 9 -7.23 0.81 -5.25
C LEU A 9 -8.37 -0.04 -4.75
N GLU A 10 -8.27 -0.44 -3.49
CA GLU A 10 -9.29 -1.27 -2.89
C GLU A 10 -10.49 -0.49 -2.44
N ASN A 11 -10.26 0.76 -2.07
CA ASN A 11 -11.32 1.61 -1.58
C ASN A 11 -11.17 2.92 -2.34
N PRO A 12 -12.20 3.30 -3.10
CA PRO A 12 -12.20 4.53 -3.90
C PRO A 12 -12.09 5.81 -3.08
N ASP A 13 -12.39 5.72 -1.79
CA ASP A 13 -12.33 6.89 -0.93
C ASP A 13 -10.99 7.04 -0.27
N ILE A 14 -10.13 6.05 -0.46
CA ILE A 14 -8.83 6.09 0.15
C ILE A 14 -7.83 6.81 -0.73
N LYS A 15 -6.99 7.61 -0.08
CA LYS A 15 -5.94 8.35 -0.77
C LYS A 15 -4.67 7.56 -0.47
N TYR A 16 -4.17 6.88 -1.49
CA TYR A 16 -2.99 6.07 -1.33
C TYR A 16 -1.76 6.83 -1.71
N PRO A 17 -0.90 7.14 -0.74
CA PRO A 17 0.29 7.86 -1.14
C PRO A 17 1.16 6.86 -1.88
N LEU A 18 1.47 7.15 -3.13
CA LEU A 18 2.34 6.26 -3.90
C LEU A 18 3.62 7.02 -4.17
N ARG A 19 4.73 6.33 -4.08
CA ARG A 19 6.02 6.94 -4.29
C ARG A 19 6.35 7.06 -5.76
N LEU A 20 6.88 8.21 -6.11
CA LEU A 20 7.30 8.43 -7.48
C LEU A 20 8.56 7.59 -7.66
N ILE A 21 8.62 6.71 -8.64
CA ILE A 21 9.83 5.94 -8.77
C ILE A 21 10.61 6.39 -9.97
N ASP A 22 9.95 7.09 -10.88
CA ASP A 22 10.66 7.64 -12.02
C ASP A 22 9.86 8.65 -12.81
N LYS A 23 10.59 9.57 -13.40
CA LYS A 23 10.03 10.62 -14.21
C LYS A 23 10.79 10.43 -15.50
N GLU A 24 10.07 10.42 -16.61
CA GLU A 24 10.70 10.27 -17.90
C GLU A 24 10.13 11.36 -18.80
N ILE A 25 11.02 12.06 -19.47
CA ILE A 25 10.62 13.13 -20.36
C ILE A 25 10.25 12.49 -21.69
N LEU A 26 8.99 12.65 -22.11
CA LEU A 26 8.53 12.08 -23.37
C LEU A 26 8.55 13.11 -24.49
N SER A 27 8.32 14.35 -24.12
CA SER A 27 8.32 15.42 -25.10
C SER A 27 8.60 16.70 -24.34
N HIS A 28 8.61 17.81 -25.06
CA HIS A 28 8.88 19.10 -24.45
C HIS A 28 7.99 19.41 -23.26
N ASP A 29 6.81 18.81 -23.19
CA ASP A 29 5.92 19.13 -22.07
C ASP A 29 5.20 17.96 -21.46
N THR A 30 5.56 16.76 -21.86
CA THR A 30 4.90 15.61 -21.28
C THR A 30 5.93 14.66 -20.74
N ARG A 31 5.53 13.89 -19.76
CA ARG A 31 6.46 12.95 -19.23
C ARG A 31 5.72 11.79 -18.68
N ARG A 32 6.47 10.74 -18.41
CA ARG A 32 5.91 9.56 -17.81
C ARG A 32 6.30 9.76 -16.36
N PHE A 33 5.32 9.60 -15.49
CA PHE A 33 5.57 9.69 -14.06
C PHE A 33 5.12 8.32 -13.58
N ARG A 34 6.08 7.51 -13.16
CA ARG A 34 5.76 6.18 -12.68
C ARG A 34 5.81 6.15 -11.17
N PHE A 35 4.81 5.53 -10.56
CA PHE A 35 4.73 5.46 -9.13
C PHE A 35 4.66 4.02 -8.72
N ALA A 36 5.23 3.73 -7.56
CA ALA A 36 5.21 2.36 -7.09
C ALA A 36 3.87 2.09 -6.48
N LEU A 37 3.37 0.90 -6.74
CA LEU A 37 2.12 0.49 -6.15
C LEU A 37 2.57 -0.09 -4.79
N PRO A 38 1.63 -0.46 -3.91
CA PRO A 38 1.95 -1.01 -2.59
C PRO A 38 3.00 -2.09 -2.54
N SER A 39 3.10 -2.88 -3.60
CA SER A 39 4.12 -3.91 -3.65
C SER A 39 4.30 -4.15 -5.12
N PRO A 40 5.38 -4.84 -5.50
CA PRO A 40 5.65 -5.13 -6.90
C PRO A 40 4.60 -6.09 -7.46
N GLN A 41 3.82 -6.73 -6.59
CA GLN A 41 2.81 -7.66 -7.05
C GLN A 41 1.46 -7.01 -7.28
N HIS A 42 1.33 -5.78 -6.84
CA HIS A 42 0.06 -5.07 -6.99
C HIS A 42 -0.25 -4.60 -8.36
N ILE A 43 -1.54 -4.49 -8.64
CA ILE A 43 -1.96 -3.89 -9.87
C ILE A 43 -2.74 -2.70 -9.36
N LEU A 44 -3.03 -1.77 -10.24
CA LEU A 44 -3.77 -0.59 -9.81
C LEU A 44 -5.19 -0.92 -9.40
N GLY A 45 -5.91 -1.63 -10.27
CA GLY A 45 -7.30 -1.97 -9.99
C GLY A 45 -8.05 -0.81 -10.59
N LEU A 46 -7.93 -0.66 -11.89
CA LEU A 46 -8.58 0.46 -12.55
C LEU A 46 -9.37 -0.03 -13.72
N PRO A 47 -10.69 -0.15 -13.56
CA PRO A 47 -11.53 -0.61 -14.67
C PRO A 47 -11.31 0.28 -15.88
N ILE A 48 -11.34 -0.35 -17.03
CA ILE A 48 -11.17 0.35 -18.29
C ILE A 48 -12.29 1.38 -18.38
N GLY A 49 -11.91 2.63 -18.66
CA GLY A 49 -12.89 3.69 -18.78
C GLY A 49 -12.80 4.59 -17.57
N GLN A 50 -12.19 4.08 -16.52
CA GLN A 50 -12.07 4.89 -15.33
C GLN A 50 -10.69 5.47 -15.18
N HIS A 51 -10.58 6.42 -14.27
CA HIS A 51 -9.34 7.10 -14.04
C HIS A 51 -9.08 7.17 -12.56
N ILE A 52 -7.94 7.74 -12.21
CA ILE A 52 -7.63 7.91 -10.82
C ILE A 52 -7.52 9.38 -10.63
N TYR A 53 -7.36 9.77 -9.38
CA TYR A 53 -7.11 11.16 -9.12
C TYR A 53 -5.82 11.21 -8.38
N LEU A 54 -5.03 12.22 -8.67
CA LEU A 54 -3.83 12.47 -7.93
C LEU A 54 -4.28 13.60 -7.04
N SER A 55 -3.80 13.62 -5.81
CA SER A 55 -4.18 14.73 -4.99
C SER A 55 -3.03 15.00 -4.06
N THR A 56 -2.90 16.27 -3.72
CA THR A 56 -1.88 16.64 -2.78
C THR A 56 -2.17 18.09 -2.51
N ARG A 57 -1.66 18.60 -1.41
CA ARG A 57 -1.90 19.98 -1.11
C ARG A 57 -0.78 20.73 -1.81
N ILE A 58 -1.15 21.76 -2.56
CA ILE A 58 -0.17 22.55 -3.26
C ILE A 58 -0.46 23.97 -2.84
N ASP A 59 0.54 24.62 -2.25
CA ASP A 59 0.39 26.00 -1.80
C ASP A 59 -0.84 26.13 -0.89
N GLY A 60 -0.99 25.18 0.03
CA GLY A 60 -2.08 25.19 0.99
C GLY A 60 -3.46 24.74 0.54
N ASN A 61 -3.65 24.49 -0.75
CA ASN A 61 -4.94 24.03 -1.24
C ASN A 61 -4.85 22.61 -1.75
N LEU A 62 -5.90 21.84 -1.49
CA LEU A 62 -5.94 20.47 -1.96
C LEU A 62 -6.13 20.58 -3.46
N VAL A 63 -5.26 19.93 -4.21
CA VAL A 63 -5.34 19.93 -5.66
C VAL A 63 -5.59 18.47 -5.99
N ILE A 64 -6.69 18.20 -6.67
CA ILE A 64 -7.03 16.84 -7.01
C ILE A 64 -7.40 16.87 -8.47
N ARG A 65 -6.67 16.08 -9.24
CA ARG A 65 -6.90 16.06 -10.66
C ARG A 65 -6.97 14.65 -11.18
N PRO A 66 -7.73 14.47 -12.26
CA PRO A 66 -7.89 13.16 -12.87
C PRO A 66 -6.77 12.79 -13.83
N TYR A 67 -6.41 11.52 -13.82
CA TYR A 67 -5.41 11.03 -14.74
C TYR A 67 -5.77 9.64 -15.08
N THR A 68 -5.61 9.30 -16.34
CA THR A 68 -5.84 7.94 -16.72
C THR A 68 -4.47 7.37 -17.01
N PRO A 69 -4.02 6.44 -16.16
CA PRO A 69 -2.71 5.84 -16.34
C PRO A 69 -2.60 5.25 -17.72
N VAL A 70 -1.38 5.19 -18.22
CA VAL A 70 -1.19 4.57 -19.51
C VAL A 70 -0.77 3.14 -19.20
N SER A 71 -0.57 2.84 -17.92
CA SER A 71 -0.26 1.49 -17.52
C SER A 71 -1.63 0.84 -17.47
N SER A 72 -1.67 -0.46 -17.25
CA SER A 72 -2.93 -1.17 -17.21
C SER A 72 -2.87 -2.06 -16.00
N ASP A 73 -3.94 -2.80 -15.76
CA ASP A 73 -3.94 -3.71 -14.64
C ASP A 73 -3.13 -4.94 -14.97
N ASP A 74 -2.47 -4.95 -16.13
CA ASP A 74 -1.58 -6.05 -16.46
C ASP A 74 -0.23 -5.68 -15.89
N ASP A 75 -0.05 -4.40 -15.59
CA ASP A 75 1.22 -3.95 -15.04
C ASP A 75 1.28 -4.10 -13.55
N LYS A 76 2.25 -4.87 -13.08
CA LYS A 76 2.37 -5.04 -11.66
C LYS A 76 3.43 -4.14 -11.10
N GLY A 77 3.18 -3.69 -9.87
CA GLY A 77 4.14 -2.90 -9.15
C GLY A 77 4.20 -1.42 -9.38
N PHE A 78 3.63 -0.94 -10.47
CA PHE A 78 3.73 0.48 -10.71
C PHE A 78 2.54 0.96 -11.47
N VAL A 79 2.37 2.26 -11.46
CA VAL A 79 1.31 2.90 -12.21
C VAL A 79 2.07 3.95 -13.00
N ASP A 80 1.74 4.04 -14.27
CA ASP A 80 2.42 4.94 -15.16
C ASP A 80 1.46 6.02 -15.61
N LEU A 81 1.79 7.27 -15.33
CA LEU A 81 0.96 8.36 -15.76
C LEU A 81 1.71 9.11 -16.82
N VAL A 82 1.02 9.47 -17.89
CA VAL A 82 1.63 10.29 -18.90
C VAL A 82 0.94 11.59 -18.55
N VAL A 83 1.75 12.57 -18.23
CA VAL A 83 1.23 13.83 -17.78
C VAL A 83 1.80 14.98 -18.58
N LYS A 84 0.93 15.91 -18.93
CA LYS A 84 1.37 17.07 -19.64
C LYS A 84 1.59 18.14 -18.58
N VAL A 85 2.75 18.76 -18.65
CA VAL A 85 3.08 19.81 -17.72
C VAL A 85 2.92 21.07 -18.53
N TYR A 86 2.31 22.08 -17.95
CA TYR A 86 2.09 23.29 -18.70
C TYR A 86 3.13 24.36 -18.45
N PHE A 87 3.91 24.61 -19.48
CA PHE A 87 4.94 25.64 -19.44
C PHE A 87 4.19 26.82 -20.05
N LYS A 88 4.31 27.98 -19.42
CA LYS A 88 3.59 29.18 -19.81
C LYS A 88 3.38 29.61 -21.25
N GLU A 89 2.42 30.52 -21.40
CA GLU A 89 2.06 31.12 -22.68
C GLU A 89 1.88 30.13 -23.82
N ALA A 96 -5.16 26.44 -16.87
CA ALA A 96 -5.30 27.65 -16.04
C ALA A 96 -4.13 27.75 -15.07
N GLY A 97 -3.82 26.62 -14.44
CA GLY A 97 -2.73 26.57 -13.49
C GLY A 97 -1.77 25.44 -13.77
N GLY A 98 -2.28 24.25 -14.09
CA GLY A 98 -1.37 23.14 -14.33
C GLY A 98 -0.63 22.85 -13.03
N LYS A 99 -1.25 23.18 -11.90
CA LYS A 99 -0.62 22.97 -10.61
C LYS A 99 -0.23 21.51 -10.34
N MET A 100 -1.11 20.57 -10.63
CA MET A 100 -0.75 19.19 -10.35
C MET A 100 0.41 18.73 -11.23
N PRO A 101 0.34 18.99 -12.54
CA PRO A 101 1.47 18.55 -13.37
C PRO A 101 2.76 19.20 -12.90
N GLN A 102 2.65 20.45 -12.49
CA GLN A 102 3.84 21.15 -12.04
C GLN A 102 4.29 20.50 -10.75
N TYR A 103 3.33 20.11 -9.93
CA TYR A 103 3.70 19.46 -8.69
C TYR A 103 4.47 18.20 -9.01
N LEU A 104 3.96 17.43 -9.96
CA LEU A 104 4.61 16.19 -10.36
C LEU A 104 6.00 16.48 -10.88
N GLU A 105 6.07 17.51 -11.72
CA GLU A 105 7.32 17.94 -12.33
C GLU A 105 8.33 18.22 -11.23
N ASN A 106 7.85 18.78 -10.13
CA ASN A 106 8.75 19.12 -9.06
C ASN A 106 8.99 18.04 -8.03
N MET A 107 8.36 16.89 -8.19
CA MET A 107 8.57 15.82 -7.23
C MET A 107 9.92 15.17 -7.44
N ASN A 108 10.51 14.75 -6.35
CA ASN A 108 11.78 14.04 -6.41
C ASN A 108 11.36 12.61 -6.30
N ILE A 109 12.20 11.73 -6.83
CA ILE A 109 11.94 10.33 -6.78
C ILE A 109 11.84 9.91 -5.32
N GLY A 110 10.82 9.11 -5.01
CA GLY A 110 10.61 8.69 -3.64
C GLY A 110 9.53 9.52 -2.98
N ASP A 111 9.26 10.71 -3.54
CA ASP A 111 8.22 11.55 -2.97
C ASP A 111 6.93 10.84 -3.26
N THR A 112 5.94 11.06 -2.42
CA THR A 112 4.66 10.42 -2.65
C THR A 112 3.61 11.41 -3.05
N ILE A 113 2.60 10.88 -3.73
CA ILE A 113 1.47 11.70 -4.08
C ILE A 113 0.33 10.74 -3.93
N GLU A 114 -0.81 11.27 -3.55
CA GLU A 114 -1.96 10.44 -3.31
C GLU A 114 -2.74 10.11 -4.55
N PHE A 115 -3.03 8.82 -4.68
CA PHE A 115 -3.80 8.28 -5.77
C PHE A 115 -5.10 7.82 -5.18
N ARG A 116 -6.17 7.98 -5.92
CA ARG A 116 -7.43 7.48 -5.43
C ARG A 116 -8.13 7.07 -6.69
N GLY A 117 -9.08 6.16 -6.54
CA GLY A 117 -9.81 5.69 -7.69
C GLY A 117 -10.36 4.34 -7.35
N PRO A 118 -11.00 3.66 -8.32
CA PRO A 118 -11.20 4.14 -9.68
C PRO A 118 -12.36 5.12 -9.72
N ASN A 119 -12.40 5.98 -10.71
CA ASN A 119 -13.50 6.93 -10.81
C ASN A 119 -13.87 7.09 -12.25
N GLY A 120 -15.12 7.36 -12.52
CA GLY A 120 -15.49 7.53 -13.90
C GLY A 120 -16.82 6.91 -14.08
N LEU A 121 -17.68 7.56 -14.86
CA LEU A 121 -19.02 7.07 -15.07
C LEU A 121 -19.10 6.05 -16.16
N LEU A 122 -18.00 5.85 -16.86
CA LEU A 122 -17.98 4.91 -17.95
C LEU A 122 -17.02 3.80 -17.66
N VAL A 123 -17.47 2.58 -17.92
CA VAL A 123 -16.59 1.45 -17.75
C VAL A 123 -16.75 0.62 -18.97
N TYR A 124 -15.63 0.29 -19.59
CA TYR A 124 -15.65 -0.56 -20.74
C TYR A 124 -15.62 -1.98 -20.17
N GLN A 125 -16.71 -2.70 -20.36
CA GLN A 125 -16.76 -4.05 -19.83
C GLN A 125 -16.18 -5.06 -20.76
N GLY A 126 -15.75 -4.61 -21.92
CA GLY A 126 -15.16 -5.49 -22.90
C GLY A 126 -16.17 -5.95 -23.93
N LYS A 127 -15.67 -6.48 -25.04
CA LYS A 127 -16.55 -6.97 -26.10
C LYS A 127 -17.58 -5.93 -26.52
N GLY A 128 -17.17 -4.68 -26.65
CA GLY A 128 -18.06 -3.61 -27.09
C GLY A 128 -19.06 -3.14 -26.05
N LYS A 129 -19.00 -3.76 -24.87
CA LYS A 129 -19.95 -3.40 -23.83
C LYS A 129 -19.48 -2.28 -22.94
N PHE A 130 -20.24 -1.18 -22.94
CA PHE A 130 -19.92 -0.05 -22.10
C PHE A 130 -21.02 0.11 -21.10
N ALA A 131 -20.63 0.31 -19.86
CA ALA A 131 -21.54 0.49 -18.76
C ALA A 131 -21.36 1.96 -18.46
N ILE A 132 -22.39 2.75 -18.69
CA ILE A 132 -22.28 4.18 -18.43
C ILE A 132 -23.30 4.58 -17.42
N ARG A 133 -22.83 5.24 -16.35
CA ARG A 133 -23.69 5.70 -15.29
C ARG A 133 -23.99 7.16 -15.50
N ALA A 134 -25.25 7.51 -15.27
CA ALA A 134 -25.70 8.90 -15.39
C ALA A 134 -24.92 9.65 -14.34
N ASP A 135 -24.72 8.99 -13.22
CA ASP A 135 -23.96 9.56 -12.12
C ASP A 135 -23.46 8.46 -11.21
N LYS A 136 -22.59 8.85 -10.29
CA LYS A 136 -21.97 7.95 -9.33
C LYS A 136 -22.97 7.00 -8.68
N LYS A 137 -24.17 7.51 -8.43
CA LYS A 137 -25.20 6.73 -7.74
C LYS A 137 -26.18 5.98 -8.62
N SER A 138 -26.02 6.10 -9.93
CA SER A 138 -26.95 5.43 -10.82
C SER A 138 -26.39 4.11 -11.30
N ASN A 139 -27.29 3.18 -11.61
CA ASN A 139 -26.83 1.91 -12.13
C ASN A 139 -26.45 2.21 -13.56
N PRO A 140 -25.33 1.66 -14.00
CA PRO A 140 -24.92 1.92 -15.38
C PRO A 140 -25.88 1.39 -16.42
N VAL A 141 -25.94 2.09 -17.54
CA VAL A 141 -26.77 1.64 -18.64
C VAL A 141 -25.73 0.87 -19.43
N VAL A 142 -25.95 -0.41 -19.67
CA VAL A 142 -24.97 -1.16 -20.41
C VAL A 142 -25.44 -1.26 -21.84
N ARG A 143 -24.56 -0.92 -22.78
CA ARG A 143 -24.91 -1.01 -24.19
C ARG A 143 -23.70 -1.52 -24.93
N THR A 144 -23.95 -2.35 -25.91
CA THR A 144 -22.86 -2.90 -26.67
C THR A 144 -22.81 -2.15 -27.97
N VAL A 145 -21.62 -1.71 -28.33
CA VAL A 145 -21.47 -1.01 -29.58
C VAL A 145 -20.45 -1.80 -30.36
N LYS A 146 -20.37 -1.48 -31.64
CA LYS A 146 -19.45 -2.14 -32.52
C LYS A 146 -18.34 -1.17 -32.86
N SER A 147 -18.66 0.11 -32.78
CA SER A 147 -17.70 1.13 -33.13
C SER A 147 -17.60 2.17 -32.05
N VAL A 148 -16.39 2.46 -31.65
CA VAL A 148 -16.20 3.46 -30.64
C VAL A 148 -15.40 4.57 -31.26
N GLY A 149 -16.05 5.72 -31.43
CA GLY A 149 -15.37 6.87 -31.97
C GLY A 149 -14.74 7.50 -30.75
N MET A 150 -13.57 8.07 -30.94
CA MET A 150 -12.87 8.66 -29.82
C MET A 150 -12.27 9.93 -30.28
N ILE A 151 -12.58 11.01 -29.58
CA ILE A 151 -12.03 12.28 -29.95
C ILE A 151 -11.21 12.65 -28.75
N ALA A 152 -9.92 12.77 -28.95
CA ALA A 152 -9.05 13.11 -27.86
C ALA A 152 -8.29 14.35 -28.24
N GLY A 153 -8.12 15.22 -27.27
CA GLY A 153 -7.33 16.40 -27.50
C GLY A 153 -6.23 16.29 -26.49
N GLY A 154 -4.99 16.29 -26.97
CA GLY A 154 -3.85 16.23 -26.09
C GLY A 154 -3.89 15.07 -25.14
N THR A 155 -3.69 15.36 -23.86
CA THR A 155 -3.65 14.31 -22.89
C THR A 155 -4.99 13.58 -22.77
N GLY A 156 -6.01 14.09 -23.44
CA GLY A 156 -7.31 13.42 -23.43
C GLY A 156 -7.10 12.10 -24.16
N ILE A 157 -5.92 11.92 -24.70
CA ILE A 157 -5.65 10.65 -25.36
C ILE A 157 -5.59 9.53 -24.32
N THR A 158 -5.20 9.83 -23.08
CA THR A 158 -5.06 8.71 -22.16
C THR A 158 -6.33 7.93 -21.87
N PRO A 159 -7.47 8.61 -21.71
CA PRO A 159 -8.65 7.77 -21.45
C PRO A 159 -8.94 6.94 -22.67
N MET A 160 -8.61 7.48 -23.84
CA MET A 160 -8.89 6.78 -25.08
C MET A 160 -7.94 5.62 -25.22
N LEU A 161 -6.66 5.87 -24.97
CA LEU A 161 -5.69 4.81 -25.13
C LEU A 161 -6.00 3.68 -24.20
N GLN A 162 -6.48 4.00 -23.00
CA GLN A 162 -6.79 2.93 -22.09
C GLN A 162 -7.86 2.02 -22.70
N VAL A 163 -8.86 2.62 -23.31
CA VAL A 163 -9.92 1.84 -23.92
C VAL A 163 -9.40 1.11 -25.12
N ILE A 164 -8.71 1.83 -25.99
CA ILE A 164 -8.15 1.23 -27.19
C ILE A 164 -7.32 0.03 -26.83
N ARG A 165 -6.42 0.20 -25.88
CA ARG A 165 -5.59 -0.93 -25.53
C ARG A 165 -6.40 -2.06 -24.97
N ALA A 166 -7.46 -1.75 -24.23
CA ALA A 166 -8.27 -2.81 -23.66
C ALA A 166 -8.92 -3.57 -24.79
N VAL A 167 -9.45 -2.85 -25.76
CA VAL A 167 -10.11 -3.48 -26.87
C VAL A 167 -9.12 -4.34 -27.64
N LEU A 168 -8.01 -3.71 -28.02
CA LEU A 168 -7.01 -4.39 -28.81
C LEU A 168 -6.33 -5.58 -28.17
N LYS A 169 -6.15 -5.57 -26.86
CA LYS A 169 -5.48 -6.71 -26.26
C LYS A 169 -6.41 -7.91 -26.16
N ASP A 170 -7.69 -7.70 -26.41
CA ASP A 170 -8.64 -8.80 -26.35
C ASP A 170 -8.86 -9.22 -27.80
N PRO A 171 -8.19 -10.30 -28.22
CA PRO A 171 -8.37 -10.75 -29.61
C PRO A 171 -9.82 -11.07 -29.97
N ASN A 172 -10.67 -11.24 -28.98
CA ASN A 172 -12.06 -11.56 -29.26
C ASN A 172 -12.99 -10.39 -29.11
N ASP A 173 -12.41 -9.21 -28.95
CA ASP A 173 -13.20 -8.00 -28.84
C ASP A 173 -13.25 -7.47 -30.28
N HIS A 174 -14.42 -7.51 -30.89
CA HIS A 174 -14.55 -7.08 -32.27
C HIS A 174 -14.74 -5.58 -32.45
N THR A 175 -14.80 -4.89 -31.32
CA THR A 175 -15.01 -3.46 -31.34
C THR A 175 -13.96 -2.77 -32.16
N VAL A 176 -14.38 -1.79 -32.92
CA VAL A 176 -13.43 -1.08 -33.72
C VAL A 176 -13.37 0.30 -33.09
N CYS A 177 -12.17 0.76 -32.80
CA CYS A 177 -11.96 2.07 -32.20
C CYS A 177 -11.49 2.99 -33.29
N TYR A 178 -12.10 4.18 -33.33
CA TYR A 178 -11.72 5.17 -34.29
C TYR A 178 -11.28 6.32 -33.45
N LEU A 179 -10.02 6.69 -33.59
CA LEU A 179 -9.50 7.79 -32.82
C LEU A 179 -9.26 8.96 -33.71
N LEU A 180 -9.73 10.11 -33.25
CA LEU A 180 -9.55 11.37 -33.93
C LEU A 180 -8.82 12.10 -32.82
N PHE A 181 -7.53 12.22 -33.02
CA PHE A 181 -6.65 12.77 -32.03
C PHE A 181 -6.18 14.15 -32.40
N ALA A 182 -6.56 15.11 -31.59
CA ALA A 182 -6.24 16.49 -31.87
C ALA A 182 -5.14 17.01 -30.95
N ASN A 183 -4.17 17.70 -31.52
CA ASN A 183 -3.11 18.26 -30.71
C ASN A 183 -2.71 19.58 -31.28
N GLN A 184 -1.95 20.33 -30.52
CA GLN A 184 -1.57 21.65 -30.99
C GLN A 184 -0.70 21.64 -32.20
N SER A 185 0.13 20.62 -32.29
CA SER A 185 1.08 20.54 -33.39
C SER A 185 1.54 19.11 -33.48
N GLU A 186 2.27 18.82 -34.54
CA GLU A 186 2.77 17.48 -34.69
C GLU A 186 3.61 17.07 -33.50
N LYS A 187 4.49 17.95 -33.01
CA LYS A 187 5.34 17.61 -31.89
C LYS A 187 4.52 17.30 -30.64
N ASP A 188 3.28 17.76 -30.65
CA ASP A 188 2.40 17.57 -29.52
C ASP A 188 1.53 16.34 -29.59
N ILE A 189 1.74 15.51 -30.60
CA ILE A 189 0.93 14.31 -30.71
C ILE A 189 1.47 13.31 -29.70
N LEU A 190 0.89 13.43 -28.54
CA LEU A 190 1.25 12.62 -27.41
C LEU A 190 1.09 11.13 -27.69
N LEU A 191 2.12 10.36 -27.36
CA LEU A 191 2.07 8.91 -27.50
C LEU A 191 1.90 8.44 -28.92
N ARG A 192 2.33 9.26 -29.86
CA ARG A 192 2.21 8.88 -31.24
C ARG A 192 2.83 7.52 -31.52
N PRO A 193 4.05 7.28 -31.05
CA PRO A 193 4.63 5.96 -31.34
C PRO A 193 3.74 4.84 -30.85
N GLU A 194 3.21 5.01 -29.63
CA GLU A 194 2.35 4.00 -29.05
C GLU A 194 1.11 3.80 -29.91
N LEU A 195 0.49 4.92 -30.28
CA LEU A 195 -0.70 4.90 -31.09
C LEU A 195 -0.49 4.26 -32.42
N GLU A 196 0.55 4.70 -33.11
CA GLU A 196 0.82 4.19 -34.43
C GLU A 196 1.17 2.72 -34.41
N GLU A 197 1.82 2.27 -33.35
CA GLU A 197 2.16 0.85 -33.29
C GLU A 197 0.85 0.09 -33.11
N LEU A 198 0.00 0.60 -32.23
CA LEU A 198 -1.29 -0.06 -32.04
C LEU A 198 -2.02 -0.06 -33.36
N ARG A 199 -2.00 1.07 -34.04
CA ARG A 199 -2.68 1.16 -35.33
C ARG A 199 -2.04 0.19 -36.32
N ASN A 200 -0.72 0.18 -36.39
CA ASN A 200 -0.05 -0.72 -37.30
C ASN A 200 -0.34 -2.18 -37.02
N GLU A 201 -0.46 -2.52 -35.75
CA GLU A 201 -0.70 -3.91 -35.40
C GLU A 201 -2.15 -4.32 -35.35
N HIS A 202 -3.05 -3.35 -35.32
CA HIS A 202 -4.47 -3.67 -35.26
C HIS A 202 -5.23 -2.69 -36.12
N SER A 203 -4.82 -2.60 -37.38
CA SER A 203 -5.46 -1.65 -38.28
C SER A 203 -6.95 -1.91 -38.45
N SER A 204 -7.38 -3.15 -38.27
CA SER A 204 -8.78 -3.49 -38.41
C SER A 204 -9.66 -2.95 -37.28
N ARG A 205 -9.16 -3.00 -36.06
CA ARG A 205 -9.95 -2.52 -34.94
C ARG A 205 -9.51 -1.17 -34.40
N PHE A 206 -8.53 -0.57 -35.06
CA PHE A 206 -8.08 0.72 -34.61
C PHE A 206 -7.77 1.63 -35.79
N LYS A 207 -8.60 2.66 -35.93
CA LYS A 207 -8.46 3.66 -36.99
C LYS A 207 -7.91 4.85 -36.25
N LEU A 208 -6.97 5.53 -36.87
CA LEU A 208 -6.33 6.62 -36.20
C LEU A 208 -6.24 7.79 -37.14
N TRP A 209 -6.60 8.96 -36.64
CA TRP A 209 -6.50 10.11 -37.49
C TRP A 209 -6.07 11.24 -36.61
N TYR A 210 -5.25 12.11 -37.16
CA TYR A 210 -4.79 13.22 -36.37
C TYR A 210 -5.21 14.52 -36.97
N THR A 211 -5.33 15.50 -36.10
CA THR A 211 -5.52 16.84 -36.58
C THR A 211 -4.62 17.60 -35.63
N VAL A 212 -3.96 18.63 -36.14
CA VAL A 212 -3.12 19.46 -35.29
C VAL A 212 -3.55 20.89 -35.56
N ASP A 213 -3.54 21.73 -34.54
CA ASP A 213 -3.91 23.13 -34.74
C ASP A 213 -3.03 23.73 -35.81
N LYS A 214 -1.73 23.55 -35.61
CA LYS A 214 -0.71 24.04 -36.52
C LYS A 214 -0.04 22.84 -37.15
N ALA A 215 -0.21 22.71 -38.45
CA ALA A 215 0.37 21.58 -39.17
C ALA A 215 1.74 21.91 -39.70
N PRO A 216 2.62 20.90 -39.79
CA PRO A 216 3.95 21.15 -40.30
C PRO A 216 3.77 21.43 -41.79
N ASP A 217 4.80 21.92 -42.46
CA ASP A 217 4.61 22.24 -43.86
C ASP A 217 4.15 21.01 -44.64
N ALA A 218 4.73 19.86 -44.31
CA ALA A 218 4.38 18.59 -44.93
C ALA A 218 3.54 17.83 -43.92
N TRP A 219 2.25 17.72 -44.19
CA TRP A 219 1.34 17.06 -43.27
C TRP A 219 0.30 16.25 -44.02
N ASP A 220 0.21 14.97 -43.67
CA ASP A 220 -0.74 14.08 -44.31
C ASP A 220 -2.05 13.95 -43.57
N TYR A 221 -2.18 14.64 -42.43
CA TYR A 221 -3.41 14.51 -41.71
C TYR A 221 -4.19 15.78 -41.73
N SER A 222 -5.03 15.97 -40.72
CA SER A 222 -5.86 17.13 -40.68
C SER A 222 -5.23 18.25 -39.92
N GLN A 223 -5.74 19.44 -40.15
CA GLN A 223 -5.25 20.59 -39.45
C GLN A 223 -6.48 21.28 -38.91
N GLY A 224 -6.30 21.98 -37.79
CA GLY A 224 -7.38 22.71 -37.19
C GLY A 224 -8.14 21.93 -36.15
N PHE A 225 -9.02 22.66 -35.47
CA PHE A 225 -9.87 22.08 -34.45
C PHE A 225 -10.70 21.03 -35.10
N VAL A 226 -11.18 20.10 -34.29
CA VAL A 226 -12.02 19.03 -34.77
C VAL A 226 -13.24 19.68 -35.41
N ASN A 227 -13.69 19.14 -36.53
CA ASN A 227 -14.85 19.72 -37.18
C ASN A 227 -15.76 18.60 -37.65
N GLU A 228 -16.87 18.97 -38.25
CA GLU A 228 -17.81 17.98 -38.74
C GLU A 228 -17.18 17.03 -39.70
N GLU A 229 -16.42 17.56 -40.65
CA GLU A 229 -15.83 16.69 -41.64
C GLU A 229 -14.96 15.62 -41.01
N MET A 230 -14.13 16.01 -40.05
CA MET A 230 -13.26 15.05 -39.40
C MET A 230 -14.08 14.00 -38.67
N ILE A 231 -15.14 14.46 -38.02
CA ILE A 231 -15.99 13.56 -37.28
C ILE A 231 -16.73 12.64 -38.22
N ARG A 232 -17.25 13.21 -39.29
CA ARG A 232 -17.97 12.41 -40.27
C ARG A 232 -17.07 11.42 -40.96
N ASP A 233 -15.86 11.85 -41.28
CA ASP A 233 -14.98 10.98 -42.03
C ASP A 233 -13.95 10.16 -41.30
N HIS A 234 -13.73 10.42 -40.01
CA HIS A 234 -12.77 9.64 -39.27
C HIS A 234 -13.30 9.02 -38.02
N LEU A 235 -14.61 9.13 -37.84
CA LEU A 235 -15.22 8.52 -36.71
C LEU A 235 -16.39 7.73 -37.26
N PRO A 236 -16.80 6.69 -36.53
CA PRO A 236 -17.92 5.92 -37.04
C PRO A 236 -19.16 6.77 -37.11
N PRO A 237 -20.07 6.44 -38.02
CA PRO A 237 -21.29 7.20 -38.17
C PRO A 237 -22.20 6.98 -36.98
N PRO A 238 -23.12 7.93 -36.74
CA PRO A 238 -24.06 7.84 -35.64
C PRO A 238 -24.84 6.56 -35.85
N GLY A 239 -25.19 5.90 -34.76
CA GLY A 239 -25.93 4.68 -34.92
C GLY A 239 -25.96 4.00 -33.59
N GLU A 240 -26.87 3.05 -33.47
CA GLU A 240 -27.07 2.30 -32.25
C GLU A 240 -25.80 1.55 -31.87
N GLU A 241 -24.97 1.26 -32.87
CA GLU A 241 -23.75 0.52 -32.62
C GLU A 241 -22.54 1.43 -32.54
N THR A 242 -22.79 2.71 -32.35
CA THR A 242 -21.69 3.67 -32.27
C THR A 242 -21.74 4.44 -30.99
N LEU A 243 -20.58 4.59 -30.38
CA LEU A 243 -20.48 5.35 -29.16
C LEU A 243 -19.31 6.25 -29.45
N ILE A 244 -19.45 7.52 -29.10
CA ILE A 244 -18.37 8.46 -29.32
C ILE A 244 -17.91 8.82 -27.95
N LEU A 245 -16.60 8.76 -27.74
CA LEU A 245 -15.99 9.10 -26.46
C LEU A 245 -15.18 10.33 -26.73
N MET A 246 -15.13 11.21 -25.74
CA MET A 246 -14.40 12.44 -25.89
C MET A 246 -13.63 12.72 -24.65
N CYS A 247 -12.45 13.27 -24.86
CA CYS A 247 -11.66 13.70 -23.76
C CYS A 247 -10.76 14.75 -24.35
N GLY A 248 -10.93 15.97 -23.86
CA GLY A 248 -10.10 17.02 -24.35
C GLY A 248 -10.44 18.23 -23.54
N PRO A 249 -9.77 19.34 -23.82
CA PRO A 249 -9.97 20.61 -23.13
C PRO A 249 -11.43 20.99 -23.24
N PRO A 250 -11.95 21.68 -22.23
CA PRO A 250 -13.35 22.09 -22.28
C PRO A 250 -13.75 22.77 -23.59
N PRO A 251 -12.93 23.70 -24.07
CA PRO A 251 -13.35 24.34 -25.32
C PRO A 251 -13.34 23.37 -26.48
N MET A 252 -12.48 22.36 -26.40
CA MET A 252 -12.47 21.39 -27.47
C MET A 252 -13.82 20.69 -27.45
N ILE A 253 -14.20 20.25 -26.27
CA ILE A 253 -15.47 19.57 -26.10
C ILE A 253 -16.62 20.47 -26.54
N GLN A 254 -16.70 21.65 -25.96
CA GLN A 254 -17.82 22.53 -26.21
C GLN A 254 -17.89 23.12 -27.60
N PHE A 255 -16.74 23.49 -28.15
CA PHE A 255 -16.75 24.15 -29.44
C PHE A 255 -16.33 23.37 -30.65
N ALA A 256 -15.59 22.29 -30.46
CA ALA A 256 -15.14 21.51 -31.61
C ALA A 256 -15.85 20.18 -31.67
N CYS A 257 -16.22 19.66 -30.51
CA CYS A 257 -16.87 18.36 -30.47
C CYS A 257 -18.38 18.40 -30.46
N LEU A 258 -18.96 18.83 -29.35
CA LEU A 258 -20.40 18.84 -29.22
C LEU A 258 -21.20 19.36 -30.41
N PRO A 259 -20.91 20.59 -30.86
CA PRO A 259 -21.68 21.11 -31.99
C PRO A 259 -21.48 20.34 -33.27
N ASN A 260 -20.30 19.76 -33.47
CA ASN A 260 -20.11 19.04 -34.71
C ASN A 260 -20.65 17.63 -34.65
N LEU A 261 -20.59 17.03 -33.47
CA LEU A 261 -21.15 15.71 -33.30
C LEU A 261 -22.64 15.87 -33.54
N GLU A 262 -23.17 16.99 -33.11
CA GLU A 262 -24.57 17.25 -33.28
C GLU A 262 -24.89 17.40 -34.75
N ARG A 263 -24.08 18.17 -35.45
CA ARG A 263 -24.31 18.37 -36.85
C ARG A 263 -24.10 17.10 -37.64
N VAL A 264 -23.25 16.22 -37.13
CA VAL A 264 -23.01 14.96 -37.81
C VAL A 264 -24.14 14.01 -37.48
N GLY A 265 -24.80 14.23 -36.36
CA GLY A 265 -25.91 13.38 -36.03
C GLY A 265 -25.69 12.46 -34.86
N HIS A 266 -24.60 12.66 -34.13
CA HIS A 266 -24.36 11.79 -33.00
C HIS A 266 -25.24 12.25 -31.86
N PRO A 267 -26.10 11.37 -31.38
CA PRO A 267 -26.98 11.74 -30.28
C PRO A 267 -26.19 11.90 -28.99
N LYS A 268 -26.58 12.86 -28.18
CA LYS A 268 -25.90 13.07 -26.91
C LYS A 268 -25.78 11.76 -26.13
N GLU A 269 -26.82 10.93 -26.19
CA GLU A 269 -26.80 9.69 -25.41
C GLU A 269 -25.79 8.67 -25.92
N ARG A 270 -25.30 8.86 -27.13
CA ARG A 270 -24.29 7.93 -27.65
C ARG A 270 -22.95 8.62 -27.72
N CYS A 271 -22.79 9.58 -26.83
CA CYS A 271 -21.56 10.32 -26.68
C CYS A 271 -21.24 10.34 -25.22
N PHE A 272 -19.97 10.18 -24.91
CA PHE A 272 -19.58 10.24 -23.53
C PHE A 272 -18.33 11.07 -23.47
N THR A 273 -18.27 11.94 -22.48
CA THR A 273 -17.09 12.77 -22.31
C THR A 273 -16.51 12.44 -20.96
N PHE A 274 -15.24 12.05 -20.98
CA PHE A 274 -14.52 11.71 -19.76
C PHE A 274 -14.33 12.95 -18.87
N HIS B 5 -12.14 -3.50 7.38
CA HIS B 5 -10.72 -3.21 7.71
C HIS B 5 -9.82 -3.21 6.48
N MET B 6 -9.05 -2.15 6.32
CA MET B 6 -8.12 -2.05 5.21
C MET B 6 -6.86 -2.69 5.79
N ILE B 7 -6.59 -3.90 5.36
CA ILE B 7 -5.43 -4.62 5.88
C ILE B 7 -4.19 -4.39 5.04
N THR B 8 -3.09 -4.03 5.70
CA THR B 8 -1.87 -3.80 4.96
C THR B 8 -1.28 -5.13 4.53
N LEU B 9 -1.11 -6.03 5.49
CA LEU B 9 -0.52 -7.33 5.22
C LEU B 9 -1.54 -8.29 4.68
N GLU B 10 -1.90 -8.08 3.42
CA GLU B 10 -2.89 -8.95 2.80
C GLU B 10 -2.31 -10.25 2.34
N ASN B 11 -1.04 -10.22 2.00
CA ASN B 11 -0.38 -11.40 1.50
C ASN B 11 0.90 -11.51 2.27
N PRO B 12 1.10 -12.63 2.98
CA PRO B 12 2.30 -12.87 3.77
C PRO B 12 3.57 -12.99 2.95
N ASP B 13 3.45 -13.26 1.65
CA ASP B 13 4.64 -13.39 0.83
C ASP B 13 5.02 -12.09 0.18
N ILE B 14 4.21 -11.06 0.39
CA ILE B 14 4.49 -9.79 -0.21
C ILE B 14 5.36 -8.93 0.70
N LYS B 15 6.31 -8.24 0.07
CA LYS B 15 7.19 -7.34 0.79
C LYS B 15 6.63 -5.95 0.50
N TYR B 16 6.02 -5.34 1.51
CA TYR B 16 5.44 -4.02 1.34
C TYR B 16 6.41 -2.96 1.75
N PRO B 17 6.88 -2.14 0.79
CA PRO B 17 7.83 -1.11 1.18
C PRO B 17 7.00 -0.07 1.92
N LEU B 18 7.31 0.14 3.19
CA LEU B 18 6.60 1.16 3.96
C LEU B 18 7.58 2.28 4.26
N ARG B 19 7.08 3.50 4.13
CA ARG B 19 7.89 4.67 4.35
C ARG B 19 8.04 4.95 5.82
N LEU B 20 9.27 5.27 6.19
CA LEU B 20 9.56 5.63 7.56
C LEU B 20 8.98 7.01 7.72
N ILE B 21 8.14 7.23 8.71
CA ILE B 21 7.60 8.57 8.85
C ILE B 21 8.02 9.20 10.15
N ASP B 22 8.51 8.39 11.08
CA ASP B 22 8.89 8.92 12.37
C ASP B 22 9.98 8.05 12.98
N LYS B 23 10.96 8.71 13.58
CA LYS B 23 12.06 8.04 14.23
C LYS B 23 12.05 8.74 15.59
N GLU B 24 11.93 7.98 16.67
CA GLU B 24 11.90 8.56 17.99
C GLU B 24 12.85 7.84 18.93
N ILE B 25 13.78 8.59 19.51
CA ILE B 25 14.72 7.99 20.42
C ILE B 25 13.95 7.76 21.70
N LEU B 26 13.99 6.52 22.16
CA LEU B 26 13.30 6.11 23.38
C LEU B 26 14.27 5.95 24.53
N SER B 27 15.47 5.46 24.23
CA SER B 27 16.49 5.28 25.25
C SER B 27 17.80 5.35 24.50
N HIS B 28 18.91 5.20 25.22
CA HIS B 28 20.21 5.25 24.60
C HIS B 28 20.35 4.30 23.42
N ASP B 29 19.54 3.24 23.37
CA ASP B 29 19.69 2.30 22.26
C ASP B 29 18.41 1.80 21.63
N THR B 30 17.29 2.39 22.00
CA THR B 30 16.05 1.96 21.42
C THR B 30 15.34 3.13 20.82
N ARG B 31 14.53 2.86 19.83
CA ARG B 31 13.80 3.92 19.18
C ARG B 31 12.47 3.41 18.74
N ARG B 32 11.59 4.35 18.44
CA ARG B 32 10.31 3.99 17.87
C ARG B 32 10.62 4.32 16.42
N PHE B 33 10.28 3.40 15.53
CA PHE B 33 10.45 3.64 14.12
C PHE B 33 9.02 3.42 13.64
N ARG B 34 8.42 4.51 13.19
CA ARG B 34 7.03 4.55 12.73
C ARG B 34 7.03 4.58 11.22
N PHE B 35 6.26 3.68 10.62
CA PHE B 35 6.16 3.58 9.17
C PHE B 35 4.74 3.79 8.78
N ALA B 36 4.54 4.42 7.63
CA ALA B 36 3.19 4.66 7.16
C ALA B 36 2.70 3.40 6.51
N LEU B 37 1.44 3.07 6.78
CA LEU B 37 0.83 1.93 6.15
C LEU B 37 0.38 2.50 4.80
N PRO B 38 -0.15 1.64 3.91
CA PRO B 38 -0.61 2.07 2.58
C PRO B 38 -1.51 3.29 2.56
N SER B 39 -2.25 3.52 3.63
CA SER B 39 -3.09 4.70 3.68
C SER B 39 -3.32 4.93 5.14
N PRO B 40 -3.82 6.11 5.50
CA PRO B 40 -4.08 6.43 6.90
C PRO B 40 -5.18 5.55 7.46
N GLN B 41 -5.95 4.91 6.59
CA GLN B 41 -7.06 4.05 7.04
C GLN B 41 -6.66 2.60 7.23
N HIS B 42 -5.45 2.26 6.82
CA HIS B 42 -5.01 0.89 6.95
C HIS B 42 -4.62 0.50 8.33
N ILE B 43 -4.75 -0.78 8.60
CA ILE B 43 -4.26 -1.30 9.85
C ILE B 43 -3.22 -2.28 9.34
N LEU B 44 -2.36 -2.76 10.22
CA LEU B 44 -1.33 -3.67 9.76
C LEU B 44 -1.89 -5.01 9.36
N GLY B 45 -2.73 -5.59 10.22
CA GLY B 45 -3.29 -6.89 9.95
C GLY B 45 -2.28 -7.86 10.53
N LEU B 46 -2.11 -7.78 11.84
CA LEU B 46 -1.13 -8.64 12.48
C LEU B 46 -1.77 -9.37 13.65
N PRO B 47 -2.12 -10.63 13.45
CA PRO B 47 -2.74 -11.36 14.57
C PRO B 47 -1.85 -11.31 15.78
N ILE B 48 -2.47 -11.25 16.94
CA ILE B 48 -1.73 -11.20 18.18
C ILE B 48 -0.92 -12.50 18.27
N GLY B 49 0.37 -12.37 18.58
CA GLY B 49 1.22 -13.53 18.68
C GLY B 49 2.14 -13.57 17.48
N GLN B 50 1.77 -12.87 16.43
CA GLN B 50 2.61 -12.87 15.27
C GLN B 50 3.42 -11.61 15.12
N HIS B 51 4.39 -11.68 14.22
CA HIS B 51 5.27 -10.57 14.01
C HIS B 51 5.37 -10.32 12.54
N ILE B 52 6.14 -9.31 12.20
CA ILE B 52 6.34 -9.02 10.81
C ILE B 52 7.83 -9.14 10.63
N TYR B 53 8.26 -9.03 9.40
CA TYR B 53 9.67 -9.02 9.14
C TYR B 53 9.95 -7.77 8.41
N LEU B 54 11.11 -7.19 8.73
CA LEU B 54 11.60 -6.03 8.01
C LEU B 54 12.61 -6.69 7.11
N SER B 55 12.74 -6.20 5.89
CA SER B 55 13.76 -6.78 5.07
C SER B 55 14.22 -5.72 4.13
N THR B 56 15.48 -5.79 3.79
CA THR B 56 16.03 -4.87 2.84
C THR B 56 17.41 -5.39 2.61
N ARG B 57 18.03 -4.95 1.54
CA ARG B 57 19.38 -5.40 1.28
C ARG B 57 20.29 -4.44 2.01
N ILE B 58 21.23 -5.00 2.74
CA ILE B 58 22.18 -4.19 3.48
C ILE B 58 23.52 -4.70 3.02
N ASP B 59 24.32 -3.80 2.46
CA ASP B 59 25.62 -4.15 1.95
C ASP B 59 25.53 -5.37 1.03
N GLY B 60 24.58 -5.34 0.11
CA GLY B 60 24.41 -6.42 -0.85
C GLY B 60 23.77 -7.72 -0.42
N ASN B 61 23.44 -7.85 0.85
CA ASN B 61 22.80 -9.08 1.34
C ASN B 61 21.41 -8.78 1.85
N LEU B 62 20.48 -9.70 1.58
CA LEU B 62 19.12 -9.51 2.06
C LEU B 62 19.18 -9.74 3.56
N VAL B 63 18.65 -8.78 4.30
CA VAL B 63 18.61 -8.86 5.75
C VAL B 63 17.13 -8.82 6.07
N ILE B 64 16.66 -9.86 6.75
CA ILE B 64 15.26 -9.99 7.06
C ILE B 64 15.20 -10.30 8.52
N ARG B 65 14.59 -9.43 9.30
CA ARG B 65 14.52 -9.68 10.71
C ARG B 65 13.12 -9.50 11.20
N PRO B 66 12.77 -10.24 12.27
CA PRO B 66 11.45 -10.16 12.85
C PRO B 66 11.28 -9.01 13.82
N TYR B 67 10.09 -8.43 13.79
CA TYR B 67 9.79 -7.36 14.72
C TYR B 67 8.35 -7.47 15.06
N THR B 68 8.06 -7.27 16.33
CA THR B 68 6.67 -7.25 16.72
C THR B 68 6.36 -5.81 17.02
N PRO B 69 5.54 -5.19 16.18
CA PRO B 69 5.17 -3.80 16.35
C PRO B 69 4.58 -3.59 17.71
N VAL B 70 4.73 -2.38 18.22
CA VAL B 70 4.13 -2.09 19.51
C VAL B 70 2.80 -1.42 19.20
N SER B 71 2.57 -1.16 17.92
CA SER B 71 1.29 -0.63 17.51
C SER B 71 0.41 -1.87 17.43
N SER B 72 -0.88 -1.68 17.20
CA SER B 72 -1.79 -2.81 17.14
C SER B 72 -2.68 -2.58 15.94
N ASP B 73 -3.58 -3.51 15.67
CA ASP B 73 -4.48 -3.32 14.56
C ASP B 73 -5.54 -2.27 14.89
N ASP B 74 -5.45 -1.67 16.07
CA ASP B 74 -6.37 -0.59 16.41
C ASP B 74 -5.77 0.68 15.87
N ASP B 75 -4.48 0.62 15.55
CA ASP B 75 -3.80 1.79 15.02
C ASP B 75 -3.92 1.88 13.53
N LYS B 76 -4.49 2.97 13.04
CA LYS B 76 -4.61 3.11 11.61
C LYS B 76 -3.53 4.00 11.08
N GLY B 77 -3.10 3.68 9.86
CA GLY B 77 -2.15 4.49 9.15
C GLY B 77 -0.68 4.30 9.38
N PHE B 78 -0.31 3.68 10.49
CA PHE B 78 1.09 3.54 10.74
C PHE B 78 1.37 2.28 11.51
N VAL B 79 2.62 1.86 11.46
CA VAL B 79 3.02 0.70 12.23
C VAL B 79 4.18 1.26 13.02
N ASP B 80 4.19 0.92 14.30
CA ASP B 80 5.19 1.42 15.23
C ASP B 80 6.09 0.28 15.65
N LEU B 81 7.39 0.41 15.38
CA LEU B 81 8.31 -0.62 15.80
C LEU B 81 9.17 -0.02 16.89
N VAL B 82 9.38 -0.78 17.95
CA VAL B 82 10.28 -0.32 18.98
C VAL B 82 11.45 -1.20 18.64
N VAL B 83 12.56 -0.57 18.34
CA VAL B 83 13.71 -1.31 17.91
C VAL B 83 14.94 -0.92 18.69
N LYS B 84 15.70 -1.93 19.05
CA LYS B 84 16.93 -1.72 19.77
C LYS B 84 18.00 -1.71 18.71
N VAL B 85 18.83 -0.69 18.78
CA VAL B 85 19.92 -0.56 17.86
C VAL B 85 21.12 -0.95 18.69
N TYR B 86 22.03 -1.71 18.11
CA TYR B 86 23.17 -2.16 18.87
C TYR B 86 24.39 -1.31 18.67
N PHE B 87 24.68 -0.51 19.68
CA PHE B 87 25.82 0.38 19.68
C PHE B 87 26.98 -0.34 20.33
N LYS B 88 28.18 0.17 20.02
CA LYS B 88 29.46 -0.33 20.53
C LYS B 88 29.40 -1.41 21.58
N GLU B 89 29.82 -2.61 21.17
CA GLU B 89 29.90 -3.78 22.02
C GLU B 89 29.79 -3.46 23.52
N ALA B 96 24.52 -11.17 17.41
CA ALA B 96 24.92 -9.78 17.24
C ALA B 96 25.42 -9.48 15.83
N GLY B 97 24.94 -8.36 15.32
CA GLY B 97 25.26 -7.87 14.00
C GLY B 97 24.42 -6.60 13.93
N GLY B 98 23.18 -6.71 14.42
CA GLY B 98 22.29 -5.56 14.44
C GLY B 98 22.24 -4.76 13.15
N LYS B 99 22.44 -5.43 12.03
CA LYS B 99 22.42 -4.72 10.75
C LYS B 99 21.07 -4.06 10.49
N MET B 100 19.99 -4.79 10.75
CA MET B 100 18.69 -4.21 10.47
C MET B 100 18.42 -3.02 11.37
N PRO B 101 18.68 -3.15 12.68
CA PRO B 101 18.42 -1.97 13.52
C PRO B 101 19.30 -0.78 13.07
N GLN B 102 20.53 -1.09 12.66
CA GLN B 102 21.42 -0.03 12.22
C GLN B 102 20.89 0.53 10.92
N TYR B 103 20.33 -0.34 10.10
CA TYR B 103 19.77 0.16 8.85
C TYR B 103 18.66 1.12 9.17
N LEU B 104 17.78 0.75 10.11
CA LEU B 104 16.69 1.61 10.49
C LEU B 104 17.23 2.92 11.03
N GLU B 105 18.24 2.81 11.86
CA GLU B 105 18.88 3.95 12.49
C GLU B 105 19.34 4.89 11.40
N ASN B 106 19.80 4.31 10.31
CA ASN B 106 20.30 5.13 9.23
C ASN B 106 19.30 5.55 8.20
N MET B 107 18.04 5.17 8.38
CA MET B 107 17.05 5.57 7.40
C MET B 107 16.63 7.02 7.58
N ASN B 108 16.33 7.66 6.47
CA ASN B 108 15.86 9.02 6.52
C ASN B 108 14.36 8.87 6.40
N ILE B 109 13.65 9.82 6.96
CA ILE B 109 12.21 9.85 6.89
C ILE B 109 11.83 9.77 5.40
N GLY B 110 10.81 8.99 5.10
CA GLY B 110 10.41 8.85 3.72
C GLY B 110 11.07 7.65 3.06
N ASP B 111 12.17 7.17 3.64
CA ASP B 111 12.83 6.01 3.08
C ASP B 111 11.88 4.87 3.37
N THR B 112 11.94 3.85 2.52
CA THR B 112 11.08 2.70 2.71
C THR B 112 11.86 1.49 3.13
N ILE B 113 11.17 0.59 3.81
CA ILE B 113 11.79 -0.65 4.15
C ILE B 113 10.65 -1.60 4.01
N GLU B 114 10.95 -2.80 3.57
CA GLU B 114 9.95 -3.81 3.35
C GLU B 114 9.47 -4.56 4.57
N PHE B 115 8.15 -4.59 4.69
CA PHE B 115 7.46 -5.29 5.76
C PHE B 115 6.76 -6.45 5.14
N ARG B 116 6.71 -7.55 5.87
CA ARG B 116 5.99 -8.70 5.40
C ARG B 116 5.47 -9.33 6.66
N GLY B 117 4.42 -10.12 6.51
CA GLY B 117 3.83 -10.78 7.64
C GLY B 117 2.40 -11.04 7.29
N PRO B 118 1.60 -11.54 8.23
CA PRO B 118 2.02 -11.82 9.60
C PRO B 118 2.79 -13.14 9.64
N ASN B 119 3.62 -13.32 10.66
CA ASN B 119 4.36 -14.56 10.76
C ASN B 119 4.43 -14.96 12.20
N GLY B 120 4.51 -16.24 12.45
CA GLY B 120 4.62 -16.67 13.82
C GLY B 120 3.78 -17.90 13.97
N LEU B 121 4.26 -18.83 14.77
CA LEU B 121 3.53 -20.06 14.97
C LEU B 121 2.51 -19.98 16.07
N LEU B 122 2.53 -18.87 16.79
CA LEU B 122 1.58 -18.70 17.87
C LEU B 122 0.64 -17.56 17.57
N VAL B 123 -0.64 -17.80 17.82
CA VAL B 123 -1.60 -16.73 17.64
C VAL B 123 -2.46 -16.71 18.87
N TYR B 124 -2.61 -15.54 19.45
CA TYR B 124 -3.49 -15.43 20.60
C TYR B 124 -4.87 -15.13 20.02
N GLN B 125 -5.77 -16.07 20.21
CA GLN B 125 -7.12 -15.92 19.69
C GLN B 125 -8.03 -15.17 20.63
N GLY B 126 -7.50 -14.80 21.79
CA GLY B 126 -8.28 -14.06 22.75
C GLY B 126 -8.89 -15.00 23.78
N LYS B 127 -9.32 -14.44 24.89
CA LYS B 127 -9.97 -15.23 25.92
C LYS B 127 -9.13 -16.42 26.35
N GLY B 128 -7.83 -16.22 26.48
CA GLY B 128 -6.96 -17.29 26.93
C GLY B 128 -6.66 -18.33 25.87
N LYS B 129 -7.25 -18.17 24.69
CA LYS B 129 -7.04 -19.13 23.63
C LYS B 129 -5.81 -18.88 22.78
N PHE B 130 -4.89 -19.82 22.81
CA PHE B 130 -3.70 -19.72 21.99
C PHE B 130 -3.73 -20.81 20.95
N ALA B 131 -3.45 -20.42 19.72
CA ALA B 131 -3.44 -21.37 18.63
C ALA B 131 -1.95 -21.46 18.31
N ILE B 132 -1.35 -22.61 18.55
CA ILE B 132 0.08 -22.76 18.31
C ILE B 132 0.33 -23.86 17.31
N ARG B 133 1.00 -23.50 16.21
CA ARG B 133 1.32 -24.42 15.16
C ARG B 133 2.70 -24.99 15.38
N ALA B 134 2.84 -26.28 15.13
CA ALA B 134 4.12 -26.97 15.26
C ALA B 134 5.01 -26.33 14.21
N ASP B 135 4.41 -25.99 13.08
CA ASP B 135 5.14 -25.33 12.01
C ASP B 135 4.14 -24.68 11.10
N LYS B 136 4.64 -23.86 10.18
CA LYS B 136 3.76 -23.13 9.28
C LYS B 136 2.81 -24.01 8.48
N LYS B 137 3.12 -25.30 8.37
CA LYS B 137 2.28 -26.21 7.58
C LYS B 137 1.32 -27.02 8.45
N SER B 138 1.44 -26.87 9.76
CA SER B 138 0.59 -27.63 10.64
C SER B 138 -0.60 -26.81 11.09
N ASN B 139 -1.69 -27.50 11.38
CA ASN B 139 -2.87 -26.81 11.88
C ASN B 139 -2.54 -26.50 13.32
N PRO B 140 -2.91 -25.30 13.78
CA PRO B 140 -2.60 -24.96 15.17
C PRO B 140 -3.31 -25.79 16.21
N VAL B 141 -2.63 -26.03 17.32
CA VAL B 141 -3.23 -26.74 18.42
C VAL B 141 -3.80 -25.60 19.23
N VAL B 142 -5.11 -25.57 19.40
CA VAL B 142 -5.69 -24.50 20.17
C VAL B 142 -5.86 -24.95 21.60
N ARG B 143 -5.41 -24.11 22.53
CA ARG B 143 -5.52 -24.44 23.94
C ARG B 143 -5.82 -23.19 24.71
N THR B 144 -6.69 -23.32 25.70
CA THR B 144 -7.05 -22.17 26.48
C THR B 144 -6.32 -22.27 27.79
N VAL B 145 -5.69 -21.19 28.17
CA VAL B 145 -4.99 -21.17 29.42
C VAL B 145 -5.59 -20.02 30.18
N LYS B 146 -5.27 -19.97 31.46
CA LYS B 146 -5.78 -18.94 32.32
C LYS B 146 -4.64 -18.02 32.68
N SER B 147 -3.44 -18.58 32.61
CA SER B 147 -2.26 -17.83 32.98
C SER B 147 -1.22 -17.91 31.90
N VAL B 148 -0.67 -16.76 31.56
CA VAL B 148 0.36 -16.74 30.55
C VAL B 148 1.58 -16.13 31.19
N GLY B 149 2.58 -16.96 31.39
CA GLY B 149 3.83 -16.47 31.94
C GLY B 149 4.57 -15.97 30.74
N MET B 150 5.33 -14.91 30.92
CA MET B 150 6.05 -14.36 29.79
C MET B 150 7.41 -14.01 30.27
N ILE B 151 8.42 -14.50 29.55
CA ILE B 151 9.75 -14.19 29.91
C ILE B 151 10.29 -13.46 28.72
N ALA B 152 10.62 -12.19 28.93
CA ALA B 152 11.12 -11.40 27.86
C ALA B 152 12.46 -10.85 28.26
N GLY B 153 13.37 -10.85 27.30
CA GLY B 153 14.67 -10.29 27.56
C GLY B 153 14.77 -9.17 26.56
N GLY B 154 14.99 -7.95 27.04
CA GLY B 154 15.12 -6.82 26.16
C GLY B 154 13.99 -6.61 25.20
N THR B 155 14.34 -6.45 23.92
CA THR B 155 13.31 -6.24 22.93
C THR B 155 12.35 -7.41 22.83
N GLY B 156 12.68 -8.52 23.48
CA GLY B 156 11.79 -9.68 23.49
C GLY B 156 10.51 -9.26 24.17
N ILE B 157 10.52 -8.06 24.71
CA ILE B 157 9.33 -7.57 25.35
C ILE B 157 8.23 -7.30 24.33
N THR B 158 8.59 -6.99 23.10
CA THR B 158 7.53 -6.65 22.16
C THR B 158 6.52 -7.75 21.87
N PRO B 159 6.98 -8.99 21.68
CA PRO B 159 5.96 -10.01 21.42
C PRO B 159 5.08 -10.17 22.65
N MET B 160 5.66 -9.98 23.83
CA MET B 160 4.91 -10.13 25.07
C MET B 160 3.94 -8.98 25.20
N LEU B 161 4.44 -7.77 24.97
CA LEU B 161 3.58 -6.61 25.12
C LEU B 161 2.39 -6.69 24.19
N GLN B 162 2.62 -7.19 22.98
CA GLN B 162 1.52 -7.31 22.05
C GLN B 162 0.43 -8.19 22.66
N VAL B 163 0.85 -9.31 23.24
CA VAL B 163 -0.12 -10.21 23.84
C VAL B 163 -0.72 -9.59 25.07
N ILE B 164 0.11 -9.02 25.93
CA ILE B 164 -0.41 -8.40 27.15
C ILE B 164 -1.45 -7.37 26.80
N ARG B 165 -1.13 -6.51 25.84
CA ARG B 165 -2.08 -5.49 25.49
C ARG B 165 -3.33 -6.09 24.91
N ALA B 166 -3.19 -7.17 24.16
CA ALA B 166 -4.38 -7.78 23.59
C ALA B 166 -5.27 -8.30 24.71
N VAL B 167 -4.66 -8.94 25.69
CA VAL B 167 -5.42 -9.47 26.82
C VAL B 167 -6.09 -8.34 27.60
N LEU B 168 -5.30 -7.36 27.98
CA LEU B 168 -5.79 -6.25 28.78
C LEU B 168 -6.82 -5.39 28.08
N LYS B 169 -6.71 -5.31 26.76
CA LYS B 169 -7.62 -4.54 25.92
C LYS B 169 -9.02 -5.13 25.99
N ASP B 170 -9.09 -6.44 26.18
CA ASP B 170 -10.34 -7.16 26.22
C ASP B 170 -10.80 -7.27 27.66
N PRO B 171 -11.78 -6.46 28.06
CA PRO B 171 -12.29 -6.49 29.43
C PRO B 171 -12.86 -7.84 29.84
N ASN B 172 -13.14 -8.69 28.86
CA ASN B 172 -13.70 -10.00 29.15
C ASN B 172 -12.70 -11.12 29.00
N ASP B 173 -11.44 -10.74 28.84
CA ASP B 173 -10.40 -11.73 28.72
C ASP B 173 -9.89 -11.89 30.15
N HIS B 174 -10.12 -13.05 30.73
CA HIS B 174 -9.73 -13.27 32.12
C HIS B 174 -8.31 -13.75 32.29
N THR B 175 -7.63 -13.92 31.16
CA THR B 175 -6.27 -14.39 31.17
C THR B 175 -5.42 -13.47 32.00
N VAL B 176 -4.53 -14.06 32.78
CA VAL B 176 -3.67 -13.24 33.59
C VAL B 176 -2.29 -13.41 32.97
N CYS B 177 -1.62 -12.30 32.72
CA CYS B 177 -0.30 -12.35 32.14
C CYS B 177 0.69 -12.04 33.22
N TYR B 178 1.74 -12.86 33.27
CA TYR B 178 2.78 -12.66 34.24
C TYR B 178 4.00 -12.43 33.41
N LEU B 179 4.57 -11.24 33.53
CA LEU B 179 5.76 -10.94 32.77
C LEU B 179 6.96 -10.90 33.69
N LEU B 180 8.02 -11.56 33.24
CA LEU B 180 9.29 -11.60 33.94
C LEU B 180 10.13 -10.99 32.84
N PHE B 181 10.49 -9.74 33.04
CA PHE B 181 11.20 -8.98 32.05
C PHE B 181 12.63 -8.76 32.45
N ALA B 182 13.53 -9.30 31.64
CA ALA B 182 14.94 -9.21 31.93
C ALA B 182 15.60 -8.23 31.00
N ASN B 183 16.47 -7.40 31.56
CA ASN B 183 17.20 -6.44 30.75
C ASN B 183 18.57 -6.29 31.33
N GLN B 184 19.47 -5.68 30.58
CA GLN B 184 20.81 -5.57 31.11
C GLN B 184 20.93 -4.67 32.31
N SER B 185 20.06 -3.69 32.39
CA SER B 185 20.14 -2.74 33.50
C SER B 185 18.83 -2.03 33.59
N GLU B 186 18.67 -1.27 34.65
CA GLU B 186 17.45 -0.55 34.81
C GLU B 186 17.20 0.38 33.63
N LYS B 187 18.22 1.10 33.16
CA LYS B 187 17.99 2.01 32.05
C LYS B 187 17.55 1.25 30.79
N ASP B 188 17.85 -0.04 30.76
CA ASP B 188 17.53 -0.88 29.61
C ASP B 188 16.16 -1.53 29.67
N ILE B 189 15.38 -1.21 30.69
CA ILE B 189 14.06 -1.79 30.78
C ILE B 189 13.19 -1.10 29.75
N LEU B 190 13.20 -1.69 28.58
CA LEU B 190 12.45 -1.17 27.45
C LEU B 190 10.96 -1.08 27.73
N LEU B 191 10.38 0.06 27.40
CA LEU B 191 8.94 0.29 27.55
C LEU B 191 8.44 0.19 28.97
N ARG B 192 9.33 0.47 29.91
CA ARG B 192 8.93 0.40 31.29
C ARG B 192 7.69 1.25 31.59
N PRO B 193 7.65 2.50 31.11
CA PRO B 193 6.47 3.31 31.41
C PRO B 193 5.21 2.64 30.90
N GLU B 194 5.30 2.08 29.70
CA GLU B 194 4.15 1.41 29.09
C GLU B 194 3.73 0.23 29.94
N LEU B 195 4.71 -0.59 30.28
CA LEU B 195 4.48 -1.77 31.10
C LEU B 195 3.88 -1.45 32.45
N GLU B 196 4.47 -0.48 33.14
CA GLU B 196 4.00 -0.11 34.45
C GLU B 196 2.63 0.51 34.45
N GLU B 197 2.28 1.19 33.37
CA GLU B 197 0.96 1.78 33.29
C GLU B 197 -0.01 0.62 33.12
N LEU B 198 0.36 -0.31 32.25
CA LEU B 198 -0.49 -1.46 32.05
C LEU B 198 -0.68 -2.19 33.35
N ARG B 199 0.42 -2.40 34.07
CA ARG B 199 0.37 -3.10 35.34
C ARG B 199 -0.47 -2.31 36.35
N ASN B 200 -0.26 -1.01 36.38
CA ASN B 200 -1.00 -0.16 37.29
C ASN B 200 -2.49 -0.18 37.00
N GLU B 201 -2.84 -0.25 35.72
CA GLU B 201 -4.23 -0.23 35.37
C GLU B 201 -4.90 -1.58 35.28
N HIS B 202 -4.09 -2.63 35.27
CA HIS B 202 -4.63 -3.96 35.18
C HIS B 202 -3.82 -4.88 36.04
N SER B 203 -3.65 -4.49 37.29
CA SER B 203 -2.85 -5.29 38.22
C SER B 203 -3.37 -6.70 38.38
N SER B 204 -4.67 -6.91 38.14
CA SER B 204 -5.24 -8.24 38.28
C SER B 204 -4.86 -9.18 37.16
N ARG B 205 -4.83 -8.69 35.94
CA ARG B 205 -4.50 -9.54 34.81
C ARG B 205 -3.09 -9.33 34.29
N PHE B 206 -2.33 -8.50 34.98
CA PHE B 206 -0.97 -8.28 34.56
C PHE B 206 -0.03 -8.13 35.74
N LYS B 207 0.84 -9.12 35.86
CA LYS B 207 1.85 -9.17 36.93
C LYS B 207 3.13 -8.83 36.21
N LEU B 208 3.94 -8.02 36.84
CA LEU B 208 5.15 -7.58 36.18
C LEU B 208 6.30 -7.69 37.14
N TRP B 209 7.40 -8.28 36.67
CA TRP B 209 8.54 -8.38 37.53
C TRP B 209 9.74 -8.16 36.65
N TYR B 210 10.75 -7.52 37.21
CA TYR B 210 11.93 -7.26 36.41
C TYR B 210 13.12 -7.91 37.02
N THR B 211 14.07 -8.18 36.17
CA THR B 211 15.35 -8.60 36.64
C THR B 211 16.28 -7.86 35.70
N VAL B 212 17.42 -7.44 36.20
CA VAL B 212 18.38 -6.75 35.39
C VAL B 212 19.73 -7.38 35.67
N ASP B 213 20.56 -7.52 34.64
CA ASP B 213 21.88 -8.11 34.81
C ASP B 213 22.63 -7.41 35.93
N LYS B 214 22.69 -6.09 35.83
CA LYS B 214 23.34 -5.28 36.84
C LYS B 214 22.29 -4.35 37.41
N ALA B 215 22.04 -4.50 38.69
CA ALA B 215 21.03 -3.69 39.36
C ALA B 215 21.62 -2.39 39.89
N PRO B 216 20.79 -1.35 39.96
CA PRO B 216 21.27 -0.07 40.46
C PRO B 216 21.46 -0.27 41.96
N ASP B 217 22.19 0.64 42.61
CA ASP B 217 22.44 0.51 44.04
C ASP B 217 21.13 0.25 44.78
N ALA B 218 20.09 0.99 44.40
CA ALA B 218 18.76 0.84 45.01
C ALA B 218 17.87 0.10 44.00
N TRP B 219 17.56 -1.16 44.31
CA TRP B 219 16.74 -1.96 43.40
C TRP B 219 15.75 -2.85 44.13
N ASP B 220 14.48 -2.70 43.78
CA ASP B 220 13.42 -3.47 44.39
C ASP B 220 13.07 -4.73 43.64
N TYR B 221 13.74 -4.96 42.51
CA TYR B 221 13.40 -6.14 41.77
C TYR B 221 14.52 -7.13 41.78
N SER B 222 14.51 -8.03 40.81
CA SER B 222 15.52 -9.05 40.76
C SER B 222 16.73 -8.63 40.01
N GLN B 223 17.80 -9.35 40.25
CA GLN B 223 19.03 -9.07 39.58
C GLN B 223 19.54 -10.38 39.02
N GLY B 224 20.22 -10.28 37.90
CA GLY B 224 20.80 -11.45 37.28
C GLY B 224 19.92 -12.09 36.23
N PHE B 225 20.48 -13.09 35.59
CA PHE B 225 19.76 -13.82 34.58
C PHE B 225 18.55 -14.47 35.21
N VAL B 226 17.56 -14.74 34.38
CA VAL B 226 16.36 -15.38 34.84
C VAL B 226 16.80 -16.70 35.45
N ASN B 227 16.21 -17.05 36.59
CA ASN B 227 16.58 -18.30 37.21
C ASN B 227 15.32 -19.01 37.66
N GLU B 228 15.48 -20.17 38.25
CA GLU B 228 14.34 -20.93 38.71
C GLU B 228 13.48 -20.14 39.64
N GLU B 229 14.10 -19.49 40.61
CA GLU B 229 13.33 -18.77 41.60
C GLU B 229 12.45 -17.71 40.98
N MET B 230 13.00 -16.98 40.02
CA MET B 230 12.19 -15.95 39.38
C MET B 230 11.02 -16.54 38.65
N ILE B 231 11.27 -17.66 38.00
CA ILE B 231 10.24 -18.32 37.23
C ILE B 231 9.21 -18.90 38.18
N ARG B 232 9.70 -19.54 39.24
CA ARG B 232 8.78 -20.11 40.22
C ARG B 232 7.95 -19.04 40.89
N ASP B 233 8.58 -17.92 41.23
CA ASP B 233 7.85 -16.93 42.00
C ASP B 233 7.25 -15.75 41.27
N HIS B 234 7.54 -15.60 40.00
CA HIS B 234 6.98 -14.49 39.25
C HIS B 234 6.30 -14.91 37.98
N LEU B 235 6.19 -16.21 37.78
CA LEU B 235 5.49 -16.73 36.65
C LEU B 235 4.48 -17.73 37.21
N PRO B 236 3.39 -17.94 36.47
CA PRO B 236 2.41 -18.90 36.98
C PRO B 236 3.02 -20.28 37.04
N PRO B 237 2.54 -21.09 37.96
CA PRO B 237 3.04 -22.46 38.11
C PRO B 237 2.71 -23.30 36.90
N PRO B 238 3.50 -24.36 36.66
CA PRO B 238 3.26 -25.25 35.53
C PRO B 238 1.85 -25.79 35.70
N GLY B 239 1.18 -26.04 34.60
CA GLY B 239 -0.17 -26.56 34.71
C GLY B 239 -0.87 -26.43 33.39
N GLU B 240 -1.93 -27.21 33.24
CA GLU B 240 -2.72 -27.22 32.03
C GLU B 240 -3.25 -25.82 31.69
N GLU B 241 -3.41 -24.99 32.70
CA GLU B 241 -3.93 -23.66 32.45
C GLU B 241 -2.83 -22.64 32.38
N THR B 242 -1.59 -23.10 32.20
CA THR B 242 -0.46 -22.19 32.12
C THR B 242 0.31 -22.38 30.84
N LEU B 243 0.61 -21.25 30.22
CA LEU B 243 1.39 -21.24 29.01
C LEU B 243 2.50 -20.28 29.34
N ILE B 244 3.73 -20.64 28.98
CA ILE B 244 4.85 -19.76 29.21
C ILE B 244 5.34 -19.35 27.85
N LEU B 245 5.47 -18.04 27.65
CA LEU B 245 5.95 -17.50 26.40
C LEU B 245 7.31 -16.92 26.70
N MET B 246 8.18 -16.99 25.72
CA MET B 246 9.51 -16.50 25.87
C MET B 246 9.96 -15.78 24.64
N CYS B 247 10.68 -14.71 24.87
CA CYS B 247 11.28 -14.02 23.76
C CYS B 247 12.47 -13.33 24.34
N GLY B 248 13.64 -13.71 23.86
CA GLY B 248 14.82 -13.08 24.36
C GLY B 248 15.96 -13.62 23.56
N PRO B 249 17.17 -13.16 23.88
CA PRO B 249 18.39 -13.58 23.20
C PRO B 249 18.49 -15.09 23.32
N PRO B 250 19.05 -15.73 22.29
CA PRO B 250 19.19 -17.19 22.33
C PRO B 250 19.80 -17.69 23.63
N PRO B 251 20.86 -17.03 24.12
CA PRO B 251 21.42 -17.56 25.37
C PRO B 251 20.47 -17.39 26.53
N MET B 252 19.63 -16.38 26.49
CA MET B 252 18.67 -16.23 27.57
C MET B 252 17.72 -17.40 27.52
N ILE B 253 17.26 -17.70 26.31
CA ILE B 253 16.36 -18.81 26.12
C ILE B 253 17.03 -20.10 26.55
N GLN B 254 18.19 -20.36 25.97
CA GLN B 254 18.86 -21.62 26.22
C GLN B 254 19.44 -21.81 27.60
N PHE B 255 19.98 -20.76 28.19
CA PHE B 255 20.63 -20.92 29.47
C PHE B 255 19.93 -20.38 30.68
N ALA B 256 19.00 -19.45 30.49
CA ALA B 256 18.30 -18.90 31.63
C ALA B 256 16.85 -19.36 31.68
N CYS B 257 16.27 -19.60 30.52
CA CYS B 257 14.89 -20.01 30.48
C CYS B 257 14.65 -21.50 30.47
N LEU B 258 14.98 -22.14 29.36
CA LEU B 258 14.71 -23.57 29.21
C LEU B 258 15.06 -24.46 30.40
N PRO B 259 16.31 -24.41 30.85
CA PRO B 259 16.66 -25.27 31.97
C PRO B 259 15.96 -24.96 33.28
N ASN B 260 15.63 -23.69 33.49
CA ASN B 260 14.95 -23.36 34.72
C ASN B 260 13.47 -23.62 34.62
N LEU B 261 12.92 -23.45 33.42
CA LEU B 261 11.53 -23.76 33.21
C LEU B 261 11.39 -25.25 33.46
N GLU B 262 12.39 -25.98 33.02
CA GLU B 262 12.40 -27.41 33.19
C GLU B 262 12.49 -27.75 34.67
N ARG B 263 13.40 -27.09 35.39
CA ARG B 263 13.55 -27.37 36.80
C ARG B 263 12.32 -26.96 37.59
N VAL B 264 11.60 -25.96 37.10
CA VAL B 264 10.39 -25.52 37.78
C VAL B 264 9.27 -26.48 37.43
N GLY B 265 9.39 -27.12 36.27
CA GLY B 265 8.37 -28.08 35.89
C GLY B 265 7.49 -27.69 34.75
N HIS B 266 7.87 -26.65 34.01
CA HIS B 266 7.06 -26.25 32.91
C HIS B 266 7.40 -27.18 31.77
N PRO B 267 6.40 -27.90 31.26
CA PRO B 267 6.63 -28.82 30.15
C PRO B 267 6.90 -28.07 28.86
N LYS B 268 7.79 -28.61 28.04
CA LYS B 268 8.11 -27.97 26.78
C LYS B 268 6.84 -27.62 26.00
N GLU B 269 5.83 -28.49 26.06
CA GLU B 269 4.63 -28.24 25.29
C GLU B 269 3.80 -27.07 25.79
N ARG B 270 4.10 -26.60 26.99
CA ARG B 270 3.36 -25.48 27.54
C ARG B 270 4.28 -24.27 27.63
N CYS B 271 5.25 -24.28 26.73
CA CYS B 271 6.18 -23.17 26.60
C CYS B 271 6.24 -22.89 25.13
N PHE B 272 6.37 -21.62 24.82
CA PHE B 272 6.49 -21.24 23.43
C PHE B 272 7.52 -20.14 23.40
N THR B 273 8.40 -20.22 22.42
CA THR B 273 9.43 -19.21 22.27
C THR B 273 9.23 -18.55 20.93
N PHE B 274 9.07 -17.24 20.99
CA PHE B 274 8.86 -16.46 19.80
C PHE B 274 10.03 -16.48 18.84
PA FAD C . -4.06 21.16 -25.50
O1A FAD C . -4.41 22.53 -25.09
O2A FAD C . -2.96 20.57 -25.96
O5B FAD C . -4.81 20.78 -26.52
C5B FAD C . -5.43 20.08 -27.31
C4B FAD C . -6.47 20.03 -28.38
O4B FAD C . -7.96 20.03 -28.27
C3B FAD C . -6.16 20.98 -29.61
O3B FAD C . -5.20 20.48 -30.46
C2B FAD C . -7.56 21.22 -30.26
O2B FAD C . -7.86 20.30 -31.23
C1B FAD C . -8.53 21.12 -29.14
N9A FAD C . -8.68 22.49 -28.48
C8A FAD C . -7.92 23.13 -27.52
N7A FAD C . -8.34 24.35 -27.23
C5A FAD C . -9.41 24.56 -28.02
C6A FAD C . -10.32 25.71 -28.19
N6A FAD C . -10.19 26.84 -27.53
N1A FAD C . -11.33 25.53 -29.11
C2A FAD C . -11.49 24.37 -29.82
N3A FAD C . -10.70 23.26 -29.74
C4A FAD C . -9.67 23.40 -28.83
N1 FAD C . -3.97 14.91 -18.24
C2 FAD C . -2.76 14.35 -18.29
O2 FAD C . -1.73 15.00 -18.44
N3 FAD C . -2.61 12.94 -18.28
C4 FAD C . -3.68 12.10 -18.09
O4 FAD C . -3.50 10.91 -18.11
C4X FAD C . -4.99 12.70 -17.88
N5 FAD C . -6.11 11.92 -17.68
C5X FAD C . -7.31 12.54 -17.61
C6 FAD C . -8.48 11.74 -17.35
C7 FAD C . -9.73 12.34 -17.26
C7M FAD C . -10.96 11.50 -17.00
C8 FAD C . -9.87 13.80 -17.40
C8M FAD C . -11.17 14.51 -17.29
C9 FAD C . -8.75 14.59 -17.65
C9A FAD C . -7.49 13.98 -17.77
N10 FAD C . -6.31 14.74 -18.00
C10 FAD C . -5.09 14.15 -18.04
C1' FAD C . -6.32 16.17 -18.31
C2' FAD C . -7.01 16.22 -19.80
O2' FAD C . -6.45 15.23 -20.60
C3' FAD C . -6.61 17.50 -20.24
O3' FAD C . -7.27 18.47 -19.37
C4' FAD C . -7.69 17.84 -21.31
O4' FAD C . -8.54 16.86 -21.93
C5' FAD C . -6.78 18.58 -22.33
O5' FAD C . -5.38 18.82 -22.54
P FAD C . -4.55 19.60 -23.49
O1P FAD C . -3.66 20.66 -22.84
O2P FAD C . -3.60 18.51 -23.72
O3P FAD C . -5.15 20.26 -24.59
PA FAD D . 19.54 -7.89 25.98
O1A FAD D . 20.73 -8.64 25.59
O2A FAD D . 19.28 -6.65 26.28
O5B FAD D . 19.15 -8.70 26.99
C5B FAD D . 18.21 -9.44 27.58
C4B FAD D . 19.12 -10.43 28.21
O4B FAD D . 18.10 -11.57 28.34
C3B FAD D . 19.37 -9.96 29.68
O3B FAD D . 19.04 -8.92 30.53
C2B FAD D . 19.34 -11.37 30.35
O2B FAD D . 18.36 -11.49 31.32
C1B FAD D . 19.06 -12.33 29.22
N9A FAD D . 20.38 -12.72 28.54
C8A FAD D . 21.12 -12.08 27.55
N7A FAD D . 22.26 -12.68 27.23
C5A FAD D . 22.29 -13.78 28.04
C6A FAD D . 23.29 -14.86 28.20
N6A FAD D . 24.41 -14.90 27.53
N1A FAD D . 22.97 -15.83 29.13
C2A FAD D . 21.80 -15.79 29.87
N3A FAD D . 20.82 -14.83 29.81
C4A FAD D . 21.11 -13.84 28.88
N1 FAD D . 13.84 -6.66 18.27
C2 FAD D . 13.51 -5.36 18.31
O2 FAD D . 14.31 -4.49 18.44
N3 FAD D . 12.15 -4.96 18.30
C4 FAD D . 11.12 -5.87 18.11
O4 FAD D . 10.00 -5.48 18.13
C4X FAD D . 11.49 -7.26 17.90
N5 FAD D . 10.53 -8.22 17.69
C5X FAD D . 10.93 -9.52 17.62
C6 FAD D . 9.95 -10.49 17.37
C7 FAD D . 10.31 -11.83 17.28
C7M FAD D . 9.25 -12.87 17.02
C8 FAD D . 11.71 -12.24 17.43
C8M FAD D . 12.17 -13.66 17.34
C9 FAD D . 12.68 -11.29 17.69
C9A FAD D . 12.32 -9.95 17.80
N10 FAD D . 13.26 -8.92 18.04
C10 FAD D . 12.90 -7.62 18.07
C1' FAD D . 14.67 -9.18 18.35
C2' FAD D . 14.61 -9.87 19.84
O2' FAD D . 13.71 -9.17 20.64
C3' FAD D . 15.97 -9.68 20.29
O3' FAD D . 16.84 -10.48 19.43
C4' FAD D . 16.28 -10.69 21.39
O4' FAD D . 15.02 -11.31 21.60
C5' FAD D . 16.52 -9.68 22.53
O5' FAD D . 17.61 -8.78 22.44
P FAD D . 18.39 -7.74 23.31
O1P FAD D . 19.65 -7.14 22.98
O2P FAD D . 17.26 -6.90 23.54
O3P FAD D . 18.61 -8.41 24.64
#